data_3Q1Y
#
_entry.id   3Q1Y
#
_cell.length_a   88.912
_cell.length_b   44.717
_cell.length_c   87.955
_cell.angle_alpha   90.00
_cell.angle_beta   113.48
_cell.angle_gamma   90.00
#
_symmetry.space_group_name_H-M   'C 1 2 1'
#
loop_
_entity.id
_entity.type
_entity.pdbx_description
1 polymer 'Lin2199 protein'
2 non-polymer GLYCEROL
3 non-polymer 'POTASSIUM ION'
4 water water
#
_entity_poly.entity_id   1
_entity_poly.type   'polypeptide(L)'
_entity_poly.pdbx_seq_one_letter_code
;MSLIYTITLNPAIDRLLFIRGELEKRKTNRVIKTEFDCGGKGLHVSGVLSKFGIKNEALGIAGSDNLDKLYAILKEKHIN
HDFLVEAGTSTRECFVVLSDDTNGSTMIPEAGFTVSQTNKDNLLKQIAKKVKKEDMVVIAGSPPPHYTLSDFKELLRTVK
ATGAFLGCDNSGEYLNLAVEMGVDFIKPNEDEVIAILDEKTNSLEENIRTLAEKIPYLVVSLGAKGSICAHNGKLYQVIP
PKVQERNDTGAGDVFVGAFIAGLAMNMPITETLKVATGCSASAVMQQDSSSFDLEAAGKLKNQVSIIQLEEREGHHHHHH
;
_entity_poly.pdbx_strand_id   A
#
loop_
_chem_comp.id
_chem_comp.type
_chem_comp.name
_chem_comp.formula
GOL non-polymer GLYCEROL 'C3 H8 O3'
K non-polymer 'POTASSIUM ION' 'K 1'
#
# COMPACT_ATOMS: atom_id res chain seq x y z
N SER A 2 -19.74 9.16 2.17
CA SER A 2 -18.36 9.24 2.67
C SER A 2 -17.36 8.93 1.57
N LEU A 3 -16.12 9.36 1.75
CA LEU A 3 -15.06 9.11 0.75
C LEU A 3 -13.83 8.39 1.35
N ILE A 4 -12.94 7.89 0.44
CA ILE A 4 -11.61 7.33 0.83
C ILE A 4 -10.55 8.16 0.11
N TYR A 5 -9.60 8.63 0.90
CA TYR A 5 -8.49 9.38 0.34
C TYR A 5 -7.21 8.56 0.51
N THR A 6 -6.41 8.54 -0.55
CA THR A 6 -5.09 7.92 -0.42
C THR A 6 -4.07 9.04 -0.46
N ILE A 7 -2.95 8.83 0.24
CA ILE A 7 -1.88 9.82 0.23
C ILE A 7 -0.58 9.16 -0.21
N THR A 8 -0.08 9.60 -1.35
CA THR A 8 1.17 9.10 -1.92
C THR A 8 2.18 10.24 -1.91
N LEU A 9 3.02 10.26 -0.88
CA LEU A 9 3.98 11.34 -0.69
C LEU A 9 5.08 11.28 -1.76
N ASN A 10 5.31 10.08 -2.31
CA ASN A 10 6.42 9.84 -3.22
C ASN A 10 5.93 8.98 -4.39
N PRO A 11 5.07 9.56 -5.26
CA PRO A 11 4.56 8.76 -6.38
C PRO A 11 5.65 8.48 -7.37
N ALA A 12 5.39 7.53 -8.28
CA ALA A 12 6.35 7.15 -9.27
C ALA A 12 5.64 6.79 -10.56
N ILE A 13 6.35 6.98 -11.67
CA ILE A 13 6.00 6.34 -12.92
C ILE A 13 6.81 5.04 -12.96
N ASP A 14 6.12 3.92 -12.89
CA ASP A 14 6.78 2.63 -13.03
C ASP A 14 7.01 2.31 -14.51
N ARG A 15 8.28 2.17 -14.90
CA ARG A 15 8.62 1.74 -16.25
C ARG A 15 8.98 0.25 -16.25
N LEU A 16 8.08 -0.55 -16.84
CA LEU A 16 8.31 -2.00 -16.90
C LEU A 16 9.15 -2.35 -18.10
N LEU A 17 10.32 -2.93 -17.84
CA LEU A 17 11.25 -3.29 -18.89
C LEU A 17 11.26 -4.81 -19.10
N PHE A 18 10.61 -5.25 -20.18
CA PHE A 18 10.49 -6.68 -20.48
C PHE A 18 11.71 -7.16 -21.25
N ILE A 19 12.39 -8.16 -20.70
CA ILE A 19 13.60 -8.72 -21.30
C ILE A 19 13.39 -10.21 -21.56
N ARG A 20 14.34 -10.83 -22.28
CA ARG A 20 14.33 -12.28 -22.48
C ARG A 20 15.10 -12.98 -21.39
N GLY A 21 14.46 -13.97 -20.78
CA GLY A 21 15.08 -14.76 -19.73
C GLY A 21 15.48 -13.94 -18.51
N GLU A 22 16.52 -14.43 -17.84
CA GLU A 22 17.02 -13.82 -16.62
C GLU A 22 17.72 -12.49 -16.91
N LEU A 23 17.68 -11.61 -15.93
CA LEU A 23 18.49 -10.41 -15.96
C LEU A 23 19.92 -10.81 -15.60
N GLU A 24 20.85 -10.56 -16.53
CA GLU A 24 22.25 -10.91 -16.34
C GLU A 24 23.02 -9.66 -16.01
N LYS A 25 23.53 -9.56 -14.79
CA LYS A 25 24.34 -8.41 -14.44
C LYS A 25 25.69 -8.41 -15.18
N ARG A 26 26.19 -7.21 -15.48
CA ARG A 26 27.43 -7.04 -16.26
C ARG A 26 27.31 -7.48 -17.72
N LYS A 27 26.08 -7.59 -18.22
CA LYS A 27 25.81 -7.94 -19.60
C LYS A 27 24.71 -7.03 -20.18
N THR A 28 24.54 -7.06 -21.51
CA THR A 28 23.48 -6.30 -22.17
C THR A 28 22.18 -7.13 -22.11
N ASN A 29 21.12 -6.50 -21.62
CA ASN A 29 19.82 -7.16 -21.51
C ASN A 29 18.78 -6.39 -22.34
N ARG A 30 18.61 -6.81 -23.60
CA ARG A 30 17.76 -6.08 -24.54
C ARG A 30 16.31 -6.02 -24.12
N VAL A 31 15.72 -4.83 -24.21
CA VAL A 31 14.31 -4.64 -23.86
C VAL A 31 13.42 -4.99 -25.07
N ILE A 32 12.54 -5.98 -24.87
CA ILE A 32 11.61 -6.45 -25.90
C ILE A 32 10.44 -5.49 -26.02
N LYS A 33 9.91 -5.06 -24.87
CA LYS A 33 8.86 -4.06 -24.79
C LYS A 33 8.93 -3.25 -23.50
N THR A 34 8.50 -2.00 -23.58
CA THR A 34 8.38 -1.13 -22.42
C THR A 34 6.90 -0.90 -22.13
N GLU A 35 6.50 -1.09 -20.86
CA GLU A 35 5.18 -0.69 -20.42
C GLU A 35 5.27 0.30 -19.24
N PHE A 36 4.22 1.09 -19.07
CA PHE A 36 4.16 2.09 -18.00
C PHE A 36 3.01 1.83 -17.04
N ASP A 37 3.28 2.05 -15.76
CA ASP A 37 2.31 1.89 -14.70
C ASP A 37 2.55 3.04 -13.70
N CYS A 38 1.58 3.30 -12.82
CA CYS A 38 1.84 4.27 -11.77
C CYS A 38 2.38 3.55 -10.55
N GLY A 39 3.32 4.19 -9.87
CA GLY A 39 3.93 3.62 -8.69
C GLY A 39 3.69 4.49 -7.48
N GLY A 40 4.12 3.98 -6.33
CA GLY A 40 3.81 4.60 -5.05
C GLY A 40 2.64 3.84 -4.48
N LYS A 41 2.76 3.40 -3.24
CA LYS A 41 1.79 2.50 -2.65
C LYS A 41 0.37 3.07 -2.64
N GLY A 42 0.24 4.35 -2.29
CA GLY A 42 -1.06 5.01 -2.20
C GLY A 42 -1.81 4.95 -3.53
N LEU A 43 -1.07 5.07 -4.62
CA LEU A 43 -1.65 4.98 -5.96
C LEU A 43 -2.10 3.56 -6.29
N HIS A 44 -1.34 2.55 -5.87
CA HIS A 44 -1.76 1.16 -6.02
C HIS A 44 -3.06 0.92 -5.27
N VAL A 45 -3.15 1.44 -4.05
CA VAL A 45 -4.36 1.33 -3.22
C VAL A 45 -5.57 1.94 -3.93
N SER A 46 -5.39 3.13 -4.50
CA SER A 46 -6.45 3.81 -5.24
C SER A 46 -6.90 3.02 -6.47
N GLY A 47 -5.94 2.45 -7.20
CA GLY A 47 -6.22 1.57 -8.33
C GLY A 47 -7.08 0.38 -7.93
N VAL A 48 -6.76 -0.22 -6.78
CA VAL A 48 -7.52 -1.37 -6.28
C VAL A 48 -8.96 -0.99 -5.89
N LEU A 49 -9.09 0.12 -5.16
CA LEU A 49 -10.40 0.64 -4.74
C LEU A 49 -11.29 0.96 -5.94
N SER A 50 -10.70 1.56 -6.98
CA SER A 50 -11.42 1.90 -8.20
C SER A 50 -11.89 0.63 -8.93
N LYS A 51 -11.04 -0.39 -8.95
CA LYS A 51 -11.42 -1.70 -9.48
C LYS A 51 -12.63 -2.30 -8.73
N PHE A 52 -12.75 -1.99 -7.44
CA PHE A 52 -13.90 -2.40 -6.65
C PHE A 52 -15.13 -1.50 -6.84
N GLY A 53 -14.96 -0.42 -7.60
CA GLY A 53 -16.04 0.56 -7.82
C GLY A 53 -16.29 1.42 -6.59
N ILE A 54 -15.29 1.54 -5.75
CA ILE A 54 -15.41 2.32 -4.51
C ILE A 54 -14.82 3.71 -4.76
N LYS A 55 -15.61 4.74 -4.51
CA LYS A 55 -15.17 6.10 -4.81
C LYS A 55 -13.99 6.48 -3.91
N ASN A 56 -12.95 7.01 -4.54
CA ASN A 56 -11.79 7.47 -3.82
C ASN A 56 -11.10 8.63 -4.55
N GLU A 57 -10.22 9.31 -3.83
CA GLU A 57 -9.42 10.38 -4.41
C GLU A 57 -7.98 10.24 -3.96
N ALA A 58 -7.07 10.30 -4.93
CA ALA A 58 -5.65 10.21 -4.65
C ALA A 58 -5.03 11.58 -4.44
N LEU A 59 -4.36 11.74 -3.30
CA LEU A 59 -3.58 12.94 -2.99
C LEU A 59 -2.09 12.62 -2.93
N GLY A 60 -1.28 13.66 -3.07
CA GLY A 60 0.17 13.53 -3.05
C GLY A 60 0.81 14.68 -3.77
N ILE A 61 2.11 14.57 -4.01
CA ILE A 61 2.87 15.62 -4.71
C ILE A 61 3.59 15.03 -5.93
N ALA A 62 3.27 15.54 -7.12
CA ALA A 62 3.86 15.09 -8.37
C ALA A 62 4.69 16.21 -8.97
N GLY A 63 5.65 15.86 -9.82
CA GLY A 63 6.47 16.84 -10.51
C GLY A 63 5.80 17.37 -11.78
N SER A 64 5.99 18.67 -12.01
CA SER A 64 5.39 19.34 -13.16
C SER A 64 5.87 18.80 -14.52
N ASP A 65 7.13 18.37 -14.59
CA ASP A 65 7.81 18.14 -15.87
C ASP A 65 7.37 16.91 -16.66
N ASN A 66 6.90 15.88 -15.95
CA ASN A 66 6.31 14.72 -16.61
C ASN A 66 4.86 14.49 -16.16
N LEU A 67 4.18 15.58 -15.81
CA LEU A 67 2.82 15.53 -15.27
C LEU A 67 1.79 14.97 -16.26
N ASP A 68 1.94 15.30 -17.54
CA ASP A 68 1.04 14.78 -18.58
C ASP A 68 1.11 13.26 -18.68
N LYS A 69 2.31 12.72 -18.59
CA LYS A 69 2.54 11.29 -18.61
C LYS A 69 1.90 10.60 -17.38
N LEU A 70 2.12 11.17 -16.20
CA LEU A 70 1.53 10.61 -14.98
C LEU A 70 -0.01 10.59 -15.05
N TYR A 71 -0.59 11.73 -15.45
CA TYR A 71 -2.04 11.88 -15.54
C TYR A 71 -2.69 10.94 -16.56
N ALA A 72 -2.01 10.71 -17.69
CA ALA A 72 -2.50 9.76 -18.70
C ALA A 72 -2.52 8.33 -18.15
N ILE A 73 -1.49 7.95 -17.40
CA ILE A 73 -1.46 6.65 -16.73
C ILE A 73 -2.61 6.55 -15.71
N LEU A 74 -2.76 7.59 -14.88
CA LEU A 74 -3.80 7.59 -13.83
C LEU A 74 -5.19 7.45 -14.43
N LYS A 75 -5.44 8.20 -15.51
CA LYS A 75 -6.67 8.11 -16.29
C LYS A 75 -6.92 6.67 -16.79
N GLU A 76 -5.86 6.04 -17.29
CA GLU A 76 -5.88 4.66 -17.77
C GLU A 76 -6.23 3.66 -16.64
N LYS A 77 -5.83 3.99 -15.41
CA LYS A 77 -6.08 3.13 -14.25
C LYS A 77 -7.33 3.53 -13.47
N HIS A 78 -8.11 4.46 -14.02
CA HIS A 78 -9.38 4.93 -13.44
C HIS A 78 -9.19 5.53 -12.05
N ILE A 79 -8.04 6.16 -11.83
CA ILE A 79 -7.70 6.80 -10.58
C ILE A 79 -8.03 8.30 -10.61
N ASN A 80 -9.05 8.69 -9.85
CA ASN A 80 -9.36 10.09 -9.61
C ASN A 80 -8.38 10.68 -8.61
N HIS A 81 -7.96 11.92 -8.84
CA HIS A 81 -6.87 12.50 -8.05
C HIS A 81 -7.04 14.01 -7.89
N ASP A 82 -6.40 14.56 -6.86
CA ASP A 82 -6.23 16.00 -6.73
C ASP A 82 -4.81 16.28 -6.26
N PHE A 83 -3.86 15.93 -7.12
CA PHE A 83 -2.44 16.04 -6.81
C PHE A 83 -2.00 17.50 -6.74
N LEU A 84 -1.06 17.76 -5.83
CA LEU A 84 -0.31 19.01 -5.81
C LEU A 84 0.86 18.84 -6.76
N VAL A 85 1.30 19.95 -7.33
CA VAL A 85 2.30 19.92 -8.39
C VAL A 85 3.53 20.68 -7.91
N GLU A 86 4.68 20.00 -7.95
CA GLU A 86 5.95 20.65 -7.65
C GLU A 86 6.57 21.17 -8.95
N ALA A 87 6.66 22.49 -9.07
CA ALA A 87 7.27 23.14 -10.23
C ALA A 87 8.77 22.82 -10.40
N GLY A 88 9.21 22.67 -11.64
CA GLY A 88 10.63 22.50 -11.97
C GLY A 88 11.23 21.14 -11.64
N THR A 89 10.39 20.12 -11.56
CA THR A 89 10.88 18.78 -11.28
C THR A 89 10.00 17.73 -11.95
N SER A 90 10.46 16.48 -11.92
CA SER A 90 9.73 15.36 -12.50
C SER A 90 9.43 14.33 -11.41
N THR A 91 8.25 13.74 -11.48
CA THR A 91 7.97 12.54 -10.71
C THR A 91 9.03 11.49 -11.03
N ARG A 92 9.54 10.84 -9.99
CA ARG A 92 10.57 9.80 -10.11
C ARG A 92 10.13 8.63 -10.98
N GLU A 93 11.10 7.95 -11.59
CA GLU A 93 10.81 6.68 -12.22
C GLU A 93 11.34 5.50 -11.42
N CYS A 94 10.55 4.43 -11.36
CA CYS A 94 11.06 3.16 -10.88
C CYS A 94 11.13 2.21 -12.06
N PHE A 95 12.31 1.64 -12.28
CA PHE A 95 12.51 0.72 -13.39
C PHE A 95 12.30 -0.70 -12.89
N VAL A 96 11.41 -1.42 -13.56
CA VAL A 96 10.95 -2.75 -13.13
C VAL A 96 11.35 -3.77 -14.20
N VAL A 97 12.42 -4.52 -13.94
CA VAL A 97 12.96 -5.44 -14.94
C VAL A 97 12.35 -6.82 -14.74
N LEU A 98 11.58 -7.26 -15.73
CA LEU A 98 10.90 -8.55 -15.70
C LEU A 98 10.96 -9.29 -17.03
N SER A 99 10.44 -10.50 -17.04
CA SER A 99 10.39 -11.32 -18.24
C SER A 99 9.15 -12.20 -18.28
N ASP A 100 8.54 -12.31 -19.47
CA ASP A 100 7.52 -13.33 -19.77
C ASP A 100 8.06 -14.74 -19.51
N ASP A 101 9.38 -14.92 -19.58
CA ASP A 101 10.02 -16.23 -19.44
C ASP A 101 10.27 -16.66 -18.00
N THR A 102 10.20 -15.72 -17.06
CA THR A 102 10.58 -15.99 -15.67
C THR A 102 9.59 -15.46 -14.64
N ASN A 103 9.89 -15.74 -13.37
CA ASN A 103 9.13 -15.21 -12.25
C ASN A 103 9.85 -14.06 -11.57
N GLY A 104 9.08 -13.20 -10.89
CA GLY A 104 9.65 -12.10 -10.14
C GLY A 104 10.12 -10.92 -10.97
N SER A 105 10.52 -9.87 -10.28
CA SER A 105 10.97 -8.64 -10.92
C SER A 105 12.09 -8.01 -10.12
N THR A 106 12.96 -7.26 -10.80
CA THR A 106 14.01 -6.50 -10.15
C THR A 106 13.60 -5.02 -10.15
N MET A 107 13.55 -4.44 -8.95
CA MET A 107 13.12 -3.06 -8.81
C MET A 107 14.34 -2.14 -8.73
N ILE A 108 14.33 -1.09 -9.53
CA ILE A 108 15.39 -0.09 -9.51
C ILE A 108 14.78 1.35 -9.41
N PRO A 109 14.38 1.75 -8.19
CA PRO A 109 13.65 3.01 -8.04
C PRO A 109 14.52 4.25 -7.84
N GLU A 110 14.20 5.32 -8.55
CA GLU A 110 14.75 6.64 -8.22
C GLU A 110 14.13 7.14 -6.93
N ALA A 111 14.86 7.96 -6.18
CA ALA A 111 14.48 8.28 -4.79
C ALA A 111 13.28 9.23 -4.64
N GLY A 112 13.11 10.14 -5.59
CA GLY A 112 12.06 11.13 -5.46
C GLY A 112 12.66 12.52 -5.34
N PHE A 113 11.81 13.54 -5.48
CA PHE A 113 12.30 14.91 -5.51
C PHE A 113 12.10 15.63 -4.18
N THR A 114 12.54 16.88 -4.10
CA THR A 114 12.40 17.66 -2.87
C THR A 114 11.05 18.41 -2.89
N VAL A 115 10.20 18.12 -1.91
CA VAL A 115 8.92 18.82 -1.81
C VAL A 115 9.13 20.17 -1.12
N SER A 116 8.64 21.23 -1.74
CA SER A 116 8.64 22.56 -1.11
C SER A 116 7.77 22.61 0.17
N GLN A 117 8.17 23.46 1.11
CA GLN A 117 7.34 23.75 2.29
C GLN A 117 5.96 24.23 1.85
N THR A 118 5.92 24.97 0.75
CA THR A 118 4.64 25.42 0.18
C THR A 118 3.73 24.23 -0.06
N ASN A 119 4.25 23.19 -0.72
CA ASN A 119 3.44 21.99 -0.99
C ASN A 119 3.15 21.08 0.20
N LYS A 120 4.13 20.95 1.11
CA LYS A 120 3.88 20.29 2.39
C LYS A 120 2.69 20.93 3.09
N ASP A 121 2.71 22.26 3.22
CA ASP A 121 1.62 23.02 3.80
C ASP A 121 0.31 22.86 3.03
N ASN A 122 0.39 22.89 1.69
CA ASN A 122 -0.80 22.71 0.85
C ASN A 122 -1.47 21.37 1.08
N LEU A 123 -0.67 20.33 1.34
CA LEU A 123 -1.21 19.00 1.61
C LEU A 123 -2.01 19.01 2.90
N LEU A 124 -1.41 19.58 3.95
CA LEU A 124 -2.07 19.73 5.24
C LEU A 124 -3.38 20.49 5.10
N LYS A 125 -3.37 21.57 4.33
CA LYS A 125 -4.58 22.33 4.05
C LYS A 125 -5.63 21.51 3.29
N GLN A 126 -5.23 20.80 2.24
CA GLN A 126 -6.18 19.93 1.53
C GLN A 126 -6.89 18.96 2.46
N ILE A 127 -6.13 18.35 3.38
CA ILE A 127 -6.68 17.42 4.36
C ILE A 127 -7.72 18.10 5.24
N ALA A 128 -7.37 19.27 5.78
CA ALA A 128 -8.30 20.05 6.58
C ALA A 128 -9.58 20.41 5.80
N LYS A 129 -9.44 20.77 4.54
CA LYS A 129 -10.58 21.26 3.75
C LYS A 129 -11.50 20.15 3.27
N LYS A 130 -10.94 18.97 3.03
CA LYS A 130 -11.64 17.87 2.35
C LYS A 130 -12.16 16.79 3.29
N VAL A 131 -11.30 16.35 4.21
CA VAL A 131 -11.48 15.12 4.96
C VAL A 131 -12.45 15.32 6.12
N LYS A 132 -13.46 14.45 6.17
CA LYS A 132 -14.48 14.48 7.22
C LYS A 132 -14.40 13.25 8.13
N LYS A 133 -15.09 13.30 9.27
CA LYS A 133 -15.05 12.24 10.28
C LYS A 133 -15.47 10.87 9.71
N GLU A 134 -16.38 10.90 8.74
CA GLU A 134 -16.89 9.66 8.15
C GLU A 134 -15.99 9.08 7.05
N ASP A 135 -14.93 9.80 6.69
CA ASP A 135 -14.06 9.34 5.60
C ASP A 135 -12.98 8.39 6.10
N MET A 136 -12.25 7.79 5.16
CA MET A 136 -11.05 7.03 5.50
C MET A 136 -9.88 7.64 4.76
N VAL A 137 -8.73 7.69 5.43
CA VAL A 137 -7.50 8.20 4.83
C VAL A 137 -6.44 7.10 4.94
N VAL A 138 -5.83 6.75 3.81
CA VAL A 138 -4.79 5.75 3.78
C VAL A 138 -3.50 6.39 3.28
N ILE A 139 -2.54 6.52 4.19
CA ILE A 139 -1.20 6.99 3.85
C ILE A 139 -0.35 5.76 3.56
N ALA A 140 0.13 5.63 2.33
CA ALA A 140 0.88 4.44 1.94
C ALA A 140 2.15 4.82 1.17
N GLY A 141 3.29 4.29 1.63
CA GLY A 141 4.58 4.53 0.98
C GLY A 141 5.46 5.53 1.72
N SER A 142 6.76 5.37 1.57
CA SER A 142 7.73 6.25 2.23
C SER A 142 7.68 7.67 1.68
N PRO A 143 7.97 8.68 2.53
CA PRO A 143 8.09 10.03 2.02
C PRO A 143 9.33 10.20 1.13
N PRO A 144 9.33 11.22 0.28
CA PRO A 144 10.50 11.49 -0.55
C PRO A 144 11.66 12.05 0.29
N PRO A 145 12.87 12.19 -0.30
CA PRO A 145 14.00 12.76 0.44
C PRO A 145 13.63 14.14 0.99
N HIS A 146 14.07 14.43 2.22
CA HIS A 146 13.84 15.72 2.92
C HIS A 146 12.40 15.99 3.37
N TYR A 147 11.52 15.01 3.21
CA TYR A 147 10.21 15.06 3.89
C TYR A 147 10.48 14.32 5.18
N THR A 148 10.58 15.06 6.29
CA THR A 148 11.19 14.54 7.50
C THR A 148 10.21 13.81 8.40
N LEU A 149 10.74 13.21 9.46
CA LEU A 149 9.90 12.64 10.51
C LEU A 149 8.93 13.67 11.11
N SER A 150 9.40 14.89 11.38
CA SER A 150 8.48 15.90 11.92
C SER A 150 7.40 16.31 10.91
N ASP A 151 7.76 16.40 9.63
CA ASP A 151 6.80 16.63 8.55
C ASP A 151 5.69 15.59 8.58
N PHE A 152 6.09 14.32 8.72
CA PHE A 152 5.20 13.18 8.76
C PHE A 152 4.32 13.20 10.00
N LYS A 153 4.90 13.61 11.14
CA LYS A 153 4.11 13.84 12.34
C LYS A 153 3.01 14.88 12.12
N GLU A 154 3.37 16.03 11.56
CA GLU A 154 2.36 17.04 11.21
C GLU A 154 1.24 16.44 10.35
N LEU A 155 1.64 15.62 9.38
CA LEU A 155 0.69 14.97 8.47
C LEU A 155 -0.29 14.07 9.22
N LEU A 156 0.24 13.14 10.02
CA LEU A 156 -0.61 12.25 10.81
C LEU A 156 -1.58 13.00 11.73
N ARG A 157 -1.08 14.00 12.46
CA ARG A 157 -1.93 14.76 13.39
C ARG A 157 -3.00 15.57 12.66
N THR A 158 -2.66 16.08 11.47
CA THR A 158 -3.65 16.82 10.68
C THR A 158 -4.79 15.90 10.27
N VAL A 159 -4.48 14.67 9.86
CA VAL A 159 -5.53 13.69 9.57
C VAL A 159 -6.33 13.35 10.83
N LYS A 160 -5.63 13.04 11.93
CA LYS A 160 -6.29 12.65 13.17
C LYS A 160 -7.28 13.70 13.67
N ALA A 161 -6.92 14.98 13.53
CA ALA A 161 -7.79 16.08 13.95
C ALA A 161 -9.10 16.14 13.17
N THR A 162 -9.16 15.53 11.98
CA THR A 162 -10.42 15.48 11.23
C THR A 162 -11.40 14.47 11.80
N GLY A 163 -10.87 13.51 12.56
CA GLY A 163 -11.68 12.43 13.12
C GLY A 163 -11.79 11.24 12.19
N ALA A 164 -11.22 11.34 10.99
CA ALA A 164 -11.27 10.26 10.00
C ALA A 164 -10.53 8.99 10.44
N PHE A 165 -10.99 7.85 9.92
CA PHE A 165 -10.22 6.61 9.97
C PHE A 165 -8.88 6.84 9.27
N LEU A 166 -7.80 6.43 9.93
CA LEU A 166 -6.46 6.61 9.38
C LEU A 166 -5.69 5.28 9.33
N GLY A 167 -5.37 4.86 8.11
CA GLY A 167 -4.51 3.70 7.88
C GLY A 167 -3.15 4.14 7.36
N CYS A 168 -2.11 3.44 7.81
CA CYS A 168 -0.76 3.70 7.37
C CYS A 168 -0.09 2.44 6.89
N ASP A 169 0.33 2.42 5.62
CA ASP A 169 1.18 1.34 5.15
C ASP A 169 2.58 1.91 4.95
N ASN A 170 3.40 1.83 6.00
CA ASN A 170 4.70 2.45 6.04
C ASN A 170 5.71 1.51 6.67
N SER A 171 6.99 1.87 6.59
CA SER A 171 8.04 1.04 7.15
C SER A 171 8.99 1.89 8.01
N GLY A 172 9.89 1.22 8.71
CA GLY A 172 10.94 1.88 9.49
C GLY A 172 10.44 2.86 10.53
N GLU A 173 11.10 4.02 10.59
CA GLU A 173 10.79 5.04 11.58
C GLU A 173 9.39 5.60 11.37
N TYR A 174 8.96 5.65 10.12
CA TYR A 174 7.62 6.16 9.75
C TYR A 174 6.53 5.27 10.32
N LEU A 175 6.72 3.95 10.23
CA LEU A 175 5.82 2.99 10.87
C LEU A 175 5.84 3.11 12.40
N ASN A 176 7.03 3.30 12.98
CA ASN A 176 7.13 3.48 14.44
C ASN A 176 6.28 4.66 14.89
N LEU A 177 6.38 5.77 14.16
CA LEU A 177 5.58 6.96 14.44
C LEU A 177 4.08 6.70 14.40
N ALA A 178 3.62 5.98 13.39
CA ALA A 178 2.20 5.69 13.21
C ALA A 178 1.65 4.92 14.41
N VAL A 179 2.43 3.99 14.94
CA VAL A 179 2.05 3.26 16.16
C VAL A 179 2.00 4.19 17.38
N GLU A 180 3.06 4.96 17.62
CA GLU A 180 3.12 5.90 18.75
C GLU A 180 1.94 6.87 18.76
N MET A 181 1.53 7.30 17.57
CA MET A 181 0.54 8.34 17.44
C MET A 181 -0.90 7.85 17.24
N GLY A 182 -1.06 6.53 17.16
CA GLY A 182 -2.34 5.88 17.33
C GLY A 182 -3.22 5.79 16.11
N VAL A 183 -2.67 5.33 15.00
CA VAL A 183 -3.47 5.18 13.78
C VAL A 183 -4.41 3.98 13.92
N ASP A 184 -5.36 3.86 12.99
CA ASP A 184 -6.38 2.82 13.03
C ASP A 184 -5.96 1.51 12.41
N PHE A 185 -5.09 1.57 11.40
CA PHE A 185 -4.67 0.40 10.63
C PHE A 185 -3.19 0.49 10.22
N ILE A 186 -2.45 -0.61 10.46
CA ILE A 186 -1.11 -0.84 9.90
C ILE A 186 -1.00 -2.30 9.44
N LYS A 187 -0.06 -2.56 8.53
CA LYS A 187 0.19 -3.92 8.01
C LYS A 187 1.69 -4.28 8.14
N PRO A 188 2.21 -4.33 9.38
CA PRO A 188 3.62 -4.68 9.53
C PRO A 188 3.85 -6.17 9.26
N ASN A 189 5.09 -6.54 8.95
CA ASN A 189 5.48 -7.95 8.92
C ASN A 189 5.95 -8.36 10.32
N GLU A 190 6.31 -9.63 10.50
CA GLU A 190 6.66 -10.12 11.84
C GLU A 190 7.84 -9.41 12.42
N ASP A 191 8.89 -9.23 11.62
CA ASP A 191 10.09 -8.54 12.10
C ASP A 191 9.80 -7.10 12.48
N GLU A 192 8.91 -6.45 11.75
CA GLU A 192 8.50 -5.08 12.08
C GLU A 192 7.77 -5.03 13.41
N VAL A 193 6.88 -5.99 13.66
CA VAL A 193 6.15 -6.08 14.94
C VAL A 193 7.16 -6.18 16.11
N ILE A 194 8.12 -7.07 15.95
CA ILE A 194 9.18 -7.29 16.94
C ILE A 194 10.03 -6.03 17.15
N ALA A 195 10.36 -5.33 16.06
CA ALA A 195 11.14 -4.10 16.14
C ALA A 195 10.36 -2.96 16.81
N ILE A 196 9.07 -2.85 16.51
CA ILE A 196 8.22 -1.81 17.08
C ILE A 196 8.19 -1.93 18.62
N LEU A 197 8.02 -3.15 19.09
CA LEU A 197 7.91 -3.40 20.51
C LEU A 197 9.27 -3.56 21.18
N ASP A 198 10.32 -3.77 20.36
CA ASP A 198 11.65 -4.13 20.84
C ASP A 198 11.52 -5.22 21.90
N GLU A 199 10.83 -6.29 21.52
CA GLU A 199 10.48 -7.33 22.46
C GLU A 199 10.90 -8.67 21.82
N LYS A 200 11.80 -9.37 22.49
CA LYS A 200 12.46 -10.55 21.91
C LYS A 200 12.09 -11.89 22.55
N THR A 201 11.38 -11.88 23.67
CA THR A 201 11.18 -13.11 24.45
C THR A 201 9.73 -13.60 24.61
N ASN A 202 8.75 -12.76 24.25
CA ASN A 202 7.35 -13.23 24.22
C ASN A 202 7.05 -13.90 22.89
N SER A 203 6.01 -14.73 22.85
CA SER A 203 5.52 -15.29 21.59
C SER A 203 5.12 -14.17 20.62
N LEU A 204 5.16 -14.46 19.32
CA LEU A 204 4.70 -13.48 18.36
C LEU A 204 3.24 -13.11 18.63
N GLU A 205 2.42 -14.11 18.97
CA GLU A 205 1.02 -13.85 19.26
C GLU A 205 0.82 -12.89 20.42
N GLU A 206 1.66 -13.00 21.45
CA GLU A 206 1.60 -12.08 22.56
C GLU A 206 2.00 -10.66 22.12
N ASN A 207 3.01 -10.56 21.25
CA ASN A 207 3.42 -9.26 20.68
C ASN A 207 2.23 -8.61 19.94
N ILE A 208 1.55 -9.41 19.13
CA ILE A 208 0.44 -8.90 18.33
C ILE A 208 -0.71 -8.43 19.24
N ARG A 209 -1.06 -9.22 20.26
CA ARG A 209 -2.11 -8.83 21.21
C ARG A 209 -1.77 -7.54 21.97
N THR A 210 -0.48 -7.34 22.22
CA THR A 210 0.00 -6.13 22.90
C THR A 210 -0.06 -4.93 21.98
N LEU A 211 0.42 -5.09 20.74
CA LEU A 211 0.36 -4.03 19.74
C LEU A 211 -1.10 -3.65 19.44
N ALA A 212 -1.99 -4.64 19.51
CA ALA A 212 -3.43 -4.43 19.30
C ALA A 212 -4.07 -3.47 20.31
N GLU A 213 -3.43 -3.29 21.47
CA GLU A 213 -3.91 -2.30 22.45
C GLU A 213 -3.84 -0.86 21.92
N LYS A 214 -3.01 -0.62 20.90
CA LYS A 214 -2.86 0.70 20.27
C LYS A 214 -3.41 0.78 18.84
N ILE A 215 -3.56 -0.36 18.17
CA ILE A 215 -4.02 -0.41 16.78
C ILE A 215 -5.33 -1.21 16.71
N PRO A 216 -6.46 -0.55 16.34
CA PRO A 216 -7.74 -1.30 16.27
C PRO A 216 -7.83 -2.31 15.11
N TYR A 217 -7.20 -2.02 13.97
CA TYR A 217 -7.18 -2.93 12.83
C TYR A 217 -5.74 -3.29 12.52
N LEU A 218 -5.26 -4.35 13.16
CA LEU A 218 -3.88 -4.76 13.02
C LEU A 218 -3.77 -6.02 12.16
N VAL A 219 -3.07 -5.92 11.03
CA VAL A 219 -2.79 -7.08 10.19
C VAL A 219 -1.28 -7.31 10.10
N VAL A 220 -0.86 -8.48 10.57
CA VAL A 220 0.54 -8.84 10.52
C VAL A 220 0.76 -9.83 9.39
N SER A 221 1.59 -9.47 8.42
CA SER A 221 1.89 -10.37 7.31
C SER A 221 2.92 -11.41 7.71
N LEU A 222 2.66 -12.66 7.35
CA LEU A 222 3.56 -13.75 7.65
C LEU A 222 4.14 -14.35 6.36
N GLY A 223 4.27 -13.52 5.33
CA GLY A 223 4.79 -13.97 4.03
C GLY A 223 3.85 -14.96 3.38
N ALA A 224 4.38 -16.13 3.03
CA ALA A 224 3.62 -17.18 2.36
C ALA A 224 2.59 -17.84 3.28
N LYS A 225 2.86 -17.81 4.58
CA LYS A 225 2.01 -18.49 5.55
C LYS A 225 0.66 -17.78 5.76
N GLY A 226 0.52 -16.56 5.23
CA GLY A 226 -0.72 -15.79 5.37
C GLY A 226 -0.57 -14.58 6.28
N SER A 227 -1.52 -14.42 7.20
CA SER A 227 -1.58 -13.26 8.12
C SER A 227 -2.13 -13.64 9.48
N ILE A 228 -1.85 -12.78 10.46
CA ILE A 228 -2.61 -12.78 11.72
C ILE A 228 -3.21 -11.40 11.91
N CYS A 229 -4.52 -11.35 12.13
CA CYS A 229 -5.20 -10.08 12.33
C CYS A 229 -5.77 -9.98 13.74
N ALA A 230 -5.53 -8.84 14.37
CA ALA A 230 -6.11 -8.55 15.67
C ALA A 230 -7.16 -7.44 15.51
N HIS A 231 -8.37 -7.73 15.98
CA HIS A 231 -9.47 -6.78 15.94
C HIS A 231 -10.48 -7.10 17.05
N ASN A 232 -10.84 -6.08 17.82
CA ASN A 232 -11.88 -6.16 18.85
C ASN A 232 -11.59 -7.26 19.89
N GLY A 233 -10.32 -7.40 20.26
CA GLY A 233 -9.92 -8.36 21.29
C GLY A 233 -9.86 -9.81 20.80
N LYS A 234 -10.09 -10.00 19.50
CA LYS A 234 -9.99 -11.31 18.88
C LYS A 234 -8.75 -11.39 17.99
N LEU A 235 -8.26 -12.62 17.78
CA LEU A 235 -7.08 -12.86 16.97
C LEU A 235 -7.39 -13.90 15.91
N TYR A 236 -7.13 -13.55 14.64
CA TYR A 236 -7.43 -14.43 13.51
C TYR A 236 -6.20 -14.86 12.75
N GLN A 237 -6.09 -16.16 12.55
CA GLN A 237 -5.06 -16.70 11.67
C GLN A 237 -5.69 -16.85 10.30
N VAL A 238 -5.06 -16.25 9.30
CA VAL A 238 -5.58 -16.24 7.94
C VAL A 238 -4.67 -17.08 7.06
N ILE A 239 -5.21 -18.16 6.50
CA ILE A 239 -4.43 -19.04 5.65
C ILE A 239 -4.90 -18.93 4.19
N PRO A 240 -4.03 -18.45 3.29
CA PRO A 240 -4.39 -18.31 1.88
C PRO A 240 -4.42 -19.66 1.15
N PRO A 241 -5.12 -19.72 0.00
CA PRO A 241 -4.97 -20.89 -0.84
C PRO A 241 -3.57 -20.88 -1.47
N LYS A 242 -3.03 -22.06 -1.75
CA LYS A 242 -1.82 -22.15 -2.56
C LYS A 242 -2.16 -21.77 -4.00
N VAL A 243 -1.31 -20.96 -4.62
CA VAL A 243 -1.50 -20.56 -6.04
C VAL A 243 -0.20 -20.69 -6.85
N GLN A 244 -0.35 -20.77 -8.17
CA GLN A 244 0.79 -20.69 -9.08
C GLN A 244 1.33 -19.25 -9.03
N GLU A 245 2.44 -19.06 -8.33
CA GLU A 245 2.99 -17.73 -8.09
C GLU A 245 3.84 -17.21 -9.25
N ARG A 246 3.64 -15.95 -9.62
CA ARG A 246 4.39 -15.37 -10.71
C ARG A 246 5.32 -14.25 -10.24
N ASN A 247 4.81 -13.39 -9.35
CA ASN A 247 5.53 -12.24 -8.85
C ASN A 247 4.76 -11.61 -7.68
N ASP A 248 5.31 -11.69 -6.48
CA ASP A 248 4.61 -11.17 -5.30
C ASP A 248 4.82 -9.67 -5.08
N THR A 249 5.67 -9.06 -5.91
CA THR A 249 5.92 -7.63 -5.84
C THR A 249 4.63 -6.82 -5.98
N GLY A 250 4.32 -6.03 -4.96
CA GLY A 250 3.13 -5.19 -4.97
C GLY A 250 1.84 -5.88 -4.53
N ALA A 251 1.94 -7.16 -4.15
CA ALA A 251 0.78 -7.91 -3.67
C ALA A 251 0.31 -7.39 -2.30
N GLY A 252 1.26 -6.87 -1.51
CA GLY A 252 0.97 -6.22 -0.24
C GLY A 252 0.08 -4.98 -0.42
N ASP A 253 0.35 -4.18 -1.45
CA ASP A 253 -0.49 -3.03 -1.78
C ASP A 253 -1.90 -3.46 -2.18
N VAL A 254 -2.01 -4.56 -2.91
CA VAL A 254 -3.32 -5.10 -3.29
C VAL A 254 -4.11 -5.54 -2.03
N PHE A 255 -3.42 -6.21 -1.11
CA PHE A 255 -4.03 -6.59 0.16
C PHE A 255 -4.61 -5.36 0.87
N VAL A 256 -3.81 -4.29 0.94
CA VAL A 256 -4.26 -3.07 1.63
C VAL A 256 -5.50 -2.49 0.97
N GLY A 257 -5.44 -2.32 -0.36
CA GLY A 257 -6.59 -1.78 -1.10
C GLY A 257 -7.86 -2.57 -0.87
N ALA A 258 -7.75 -3.90 -0.92
CA ALA A 258 -8.90 -4.81 -0.76
C ALA A 258 -9.41 -4.86 0.68
N PHE A 259 -8.49 -4.80 1.64
CA PHE A 259 -8.84 -4.76 3.05
C PHE A 259 -9.64 -3.48 3.37
N ILE A 260 -9.14 -2.34 2.91
CA ILE A 260 -9.85 -1.06 3.07
C ILE A 260 -11.21 -1.09 2.34
N ALA A 261 -11.22 -1.68 1.14
CA ALA A 261 -12.44 -1.89 0.37
C ALA A 261 -13.49 -2.66 1.19
N GLY A 262 -13.08 -3.78 1.77
CA GLY A 262 -13.93 -4.59 2.66
C GLY A 262 -14.51 -3.77 3.79
N LEU A 263 -13.68 -2.94 4.41
CA LEU A 263 -14.12 -2.07 5.50
C LEU A 263 -15.12 -1.02 5.02
N ALA A 264 -14.85 -0.44 3.86
CA ALA A 264 -15.74 0.57 3.27
C ALA A 264 -17.08 -0.03 2.84
N MET A 265 -17.07 -1.31 2.46
CA MET A 265 -18.30 -2.02 2.11
C MET A 265 -18.99 -2.57 3.36
N ASN A 266 -18.51 -2.15 4.54
CA ASN A 266 -19.06 -2.58 5.83
C ASN A 266 -19.11 -4.11 5.99
N MET A 267 -18.12 -4.80 5.44
CA MET A 267 -18.05 -6.26 5.60
C MET A 267 -17.54 -6.60 7.00
N PRO A 268 -18.07 -7.69 7.60
CA PRO A 268 -17.49 -8.20 8.85
C PRO A 268 -15.99 -8.44 8.69
N ILE A 269 -15.22 -8.34 9.78
CA ILE A 269 -13.77 -8.47 9.71
C ILE A 269 -13.31 -9.75 9.00
N THR A 270 -13.94 -10.88 9.31
CA THR A 270 -13.53 -12.14 8.71
C THR A 270 -13.76 -12.12 7.20
N GLU A 271 -14.88 -11.57 6.74
CA GLU A 271 -15.11 -11.50 5.30
C GLU A 271 -14.11 -10.55 4.64
N THR A 272 -13.84 -9.43 5.31
CA THR A 272 -12.84 -8.46 4.84
C THR A 272 -11.45 -9.12 4.66
N LEU A 273 -11.04 -9.91 5.64
CA LEU A 273 -9.77 -10.66 5.56
C LEU A 273 -9.75 -11.67 4.41
N LYS A 274 -10.87 -12.34 4.17
CA LYS A 274 -10.95 -13.28 3.04
C LYS A 274 -10.85 -12.53 1.70
N VAL A 275 -11.56 -11.42 1.57
CA VAL A 275 -11.50 -10.59 0.37
C VAL A 275 -10.07 -10.11 0.13
N ALA A 276 -9.43 -9.58 1.16
CA ALA A 276 -8.08 -9.01 1.02
C ALA A 276 -7.06 -10.07 0.64
N THR A 277 -7.15 -11.23 1.28
CA THR A 277 -6.25 -12.34 1.01
C THR A 277 -6.49 -12.91 -0.39
N GLY A 278 -7.76 -12.95 -0.79
CA GLY A 278 -8.14 -13.47 -2.11
C GLY A 278 -7.55 -12.59 -3.21
N CYS A 279 -7.68 -11.28 -3.06
CA CYS A 279 -7.16 -10.34 -4.04
C CYS A 279 -5.64 -10.36 -4.10
N SER A 280 -5.02 -10.46 -2.92
CA SER A 280 -3.58 -10.56 -2.82
C SER A 280 -3.04 -11.83 -3.48
N ALA A 281 -3.69 -12.98 -3.24
CA ALA A 281 -3.31 -14.23 -3.90
C ALA A 281 -3.45 -14.11 -5.43
N SER A 282 -4.51 -13.46 -5.90
CA SER A 282 -4.65 -13.22 -7.34
C SER A 282 -3.51 -12.36 -7.90
N ALA A 283 -3.06 -11.38 -7.12
CA ALA A 283 -1.99 -10.47 -7.56
C ALA A 283 -0.65 -11.18 -7.68
N VAL A 284 -0.40 -12.11 -6.78
CA VAL A 284 0.83 -12.91 -6.82
C VAL A 284 0.91 -13.72 -8.13
N MET A 285 -0.25 -14.04 -8.70
CA MET A 285 -0.31 -14.80 -9.96
C MET A 285 -0.05 -13.93 -11.20
N GLN A 286 -0.04 -12.61 -11.04
CA GLN A 286 0.23 -11.71 -12.15
C GLN A 286 1.70 -11.31 -12.20
N GLN A 287 2.24 -11.16 -13.41
CA GLN A 287 3.68 -10.88 -13.57
C GLN A 287 4.08 -9.46 -13.15
N ASP A 288 3.16 -8.50 -13.29
CA ASP A 288 3.48 -7.11 -12.99
C ASP A 288 3.47 -6.78 -11.48
N SER A 289 3.43 -5.49 -11.14
CA SER A 289 3.53 -5.05 -9.75
C SER A 289 2.18 -4.82 -9.05
N SER A 290 1.19 -4.35 -9.79
CA SER A 290 0.00 -3.78 -9.16
C SER A 290 -1.34 -4.47 -9.46
N SER A 291 -1.37 -5.32 -10.47
CA SER A 291 -2.64 -5.81 -10.98
C SER A 291 -3.13 -7.06 -10.28
N PHE A 292 -4.43 -7.33 -10.41
CA PHE A 292 -5.05 -8.58 -9.97
C PHE A 292 -6.34 -8.84 -10.76
N ASP A 293 -6.77 -10.10 -10.73
CA ASP A 293 -7.91 -10.60 -11.48
C ASP A 293 -9.10 -10.67 -10.53
N LEU A 294 -10.08 -9.79 -10.73
CA LEU A 294 -11.20 -9.64 -9.82
C LEU A 294 -12.05 -10.91 -9.71
N GLU A 295 -12.24 -11.60 -10.83
CA GLU A 295 -13.01 -12.85 -10.85
C GLU A 295 -12.23 -13.98 -10.17
N ALA A 296 -10.95 -14.10 -10.46
CA ALA A 296 -10.13 -15.10 -9.80
C ALA A 296 -10.07 -14.81 -8.29
N ALA A 297 -9.99 -13.54 -7.93
CA ALA A 297 -9.90 -13.09 -6.53
C ALA A 297 -11.15 -13.49 -5.75
N GLY A 298 -12.31 -13.41 -6.41
CA GLY A 298 -13.58 -13.88 -5.84
C GLY A 298 -13.53 -15.35 -5.47
N LYS A 299 -12.95 -16.17 -6.34
CA LYS A 299 -12.81 -17.60 -6.11
C LYS A 299 -11.81 -17.90 -5.00
N LEU A 300 -10.67 -17.23 -5.05
CA LEU A 300 -9.62 -17.41 -4.05
C LEU A 300 -10.07 -16.94 -2.66
N LYS A 301 -10.89 -15.89 -2.60
CA LYS A 301 -11.53 -15.44 -1.35
C LYS A 301 -12.22 -16.62 -0.63
N ASN A 302 -12.92 -17.43 -1.43
CA ASN A 302 -13.71 -18.54 -0.91
C ASN A 302 -12.90 -19.83 -0.69
N GLN A 303 -11.58 -19.70 -0.80
CA GLN A 303 -10.64 -20.79 -0.48
C GLN A 303 -9.77 -20.42 0.70
N VAL A 304 -9.98 -19.23 1.26
CA VAL A 304 -9.21 -18.74 2.40
C VAL A 304 -9.79 -19.35 3.68
N SER A 305 -8.95 -19.87 4.54
CA SER A 305 -9.48 -20.31 5.83
C SER A 305 -9.07 -19.36 6.95
N ILE A 306 -10.00 -19.13 7.86
CA ILE A 306 -9.77 -18.26 9.00
C ILE A 306 -9.99 -19.04 10.27
N ILE A 307 -8.97 -19.04 11.12
CA ILE A 307 -9.06 -19.69 12.43
C ILE A 307 -8.92 -18.62 13.52
N GLN A 308 -9.89 -18.58 14.42
CA GLN A 308 -9.81 -17.72 15.59
C GLN A 308 -8.89 -18.37 16.64
N LEU A 309 -7.84 -17.63 17.03
CA LEU A 309 -6.89 -18.13 18.02
C LEU A 309 -7.35 -17.72 19.44
N GLU A 310 -7.48 -18.69 20.33
CA GLU A 310 -8.02 -18.44 21.67
C GLU A 310 -6.95 -18.05 22.70
N GLU A 311 -7.31 -17.10 23.58
CA GLU A 311 -6.49 -16.62 24.73
C GLU A 311 -5.49 -15.49 24.41
C1 GOL B . 13.94 -11.33 -15.00
O1 GOL B . 14.10 -12.52 -15.72
C2 GOL B . 14.25 -11.60 -13.53
O2 GOL B . 15.60 -11.98 -13.41
C3 GOL B . 14.00 -10.35 -12.70
O3 GOL B . 14.62 -9.22 -13.27
K K C . 2.09 -8.95 -9.02
#